data_5PH4
#
_entry.id   5PH4
#
_cell.length_a   71.499
_cell.length_b   71.499
_cell.length_c   150.416
_cell.angle_alpha   90.000
_cell.angle_beta   90.000
_cell.angle_gamma   90.000
#
_symmetry.space_group_name_H-M   'P 43 21 2'
#
loop_
_entity.id
_entity.type
_entity.pdbx_description
1 polymer 'Lysine-specific demethylase 4D'
2 non-polymer 'ZINC ION'
3 non-polymer 'NICKEL (II) ION'
4 non-polymer N-OXALYLGLYCINE
5 non-polymer 1,2-ETHANEDIOL
6 non-polymer 'SULFATE ION'
7 non-polymer 6-methylpyridine-3-carboxamide
8 water water
#
_entity_poly.entity_id   1
_entity_poly.type   'polypeptide(L)'
_entity_poly.pdbx_seq_one_letter_code
;MHHHHHHSSGVDLGTENLYFQSMETMKSKANCAQNPNCNIMIFHPTKEEFNDFDKYIAYMESQGAHRAGLAKIIPPKEWK
ARETYDNISEILIATPLQQVASGRAGVFTQYHKKKKAMTVGEYRHLANSKKYQTPPHQNFEDLERKYWKNRIYNSPIYGA
DISGSLFDENTKQWNLGHLGTIQDLLEKECGVVIEGVNTPYLYFGMWKTTFAWHTEDMDLYSINYLHLGEPKTWYVVPPE
HGQRLERLARELFPGSSRGCGAFLRHKVALISPTVLKENGIPFNRITQEAGEFMVTFPYGYHAGFNHGFNCAEAINFATP
RWIDYGKMASQCSCGEARVTFSMDAFVRILQPERYDLWKRGQDR
;
_entity_poly.pdbx_strand_id   A
#
# COMPACT_ATOMS: atom_id res chain seq x y z
N ALA A 33 27.47 4.73 -5.16
CA ALA A 33 26.13 4.49 -4.63
C ALA A 33 25.44 3.32 -5.33
N GLN A 34 24.80 2.47 -4.55
CA GLN A 34 24.13 1.30 -5.10
CA GLN A 34 24.12 1.30 -5.09
C GLN A 34 22.79 1.68 -5.73
N ASN A 35 22.46 1.02 -6.84
CA ASN A 35 21.21 1.23 -7.56
C ASN A 35 20.93 2.71 -7.89
N PRO A 36 21.88 3.38 -8.56
CA PRO A 36 21.72 4.83 -8.79
C PRO A 36 20.56 5.19 -9.70
N ASN A 37 20.15 4.27 -10.58
CA ASN A 37 19.00 4.54 -11.46
C ASN A 37 17.66 4.23 -10.77
N CYS A 38 17.70 3.77 -9.52
CA CYS A 38 16.48 3.58 -8.72
C CYS A 38 15.55 2.52 -9.32
N ASN A 39 16.14 1.45 -9.85
CA ASN A 39 15.36 0.33 -10.37
C ASN A 39 14.73 -0.50 -9.26
N ILE A 40 13.57 -1.06 -9.53
CA ILE A 40 12.96 -2.02 -8.61
C ILE A 40 13.79 -3.29 -8.60
N MET A 41 14.28 -3.67 -7.43
CA MET A 41 15.06 -4.88 -7.28
C MET A 41 14.22 -6.05 -6.79
N ILE A 42 14.61 -7.24 -7.20
CA ILE A 42 13.92 -8.49 -6.86
C ILE A 42 14.91 -9.37 -6.10
N PHE A 43 14.48 -9.88 -4.95
CA PHE A 43 15.36 -10.66 -4.08
C PHE A 43 14.86 -12.09 -3.94
N HIS A 44 15.80 -13.01 -3.84
CA HIS A 44 15.52 -14.43 -3.65
C HIS A 44 16.24 -14.96 -2.41
N PRO A 45 15.79 -14.57 -1.21
CA PRO A 45 16.46 -15.07 0.00
C PRO A 45 16.41 -16.58 0.14
N THR A 46 17.49 -17.15 0.66
CA THR A 46 17.50 -18.55 1.04
C THR A 46 16.67 -18.74 2.31
N LYS A 47 16.40 -19.98 2.66
CA LYS A 47 15.62 -20.20 3.88
C LYS A 47 16.39 -19.71 5.11
N GLU A 48 17.72 -19.80 5.08
CA GLU A 48 18.52 -19.27 6.18
C GLU A 48 18.43 -17.75 6.26
N GLU A 49 18.48 -17.10 5.10
CA GLU A 49 18.35 -15.66 5.03
C GLU A 49 16.96 -15.14 5.41
N PHE A 50 15.97 -16.03 5.40
CA PHE A 50 14.58 -15.68 5.64
C PHE A 50 14.22 -15.71 7.12
N ASN A 51 15.19 -16.06 7.97
CA ASN A 51 14.91 -16.15 9.40
C ASN A 51 14.79 -14.79 10.07
N ASP A 52 15.73 -13.90 9.76
CA ASP A 52 15.86 -12.62 10.45
C ASP A 52 15.34 -11.50 9.56
N PHE A 53 14.10 -11.09 9.81
CA PHE A 53 13.42 -10.11 8.98
C PHE A 53 14.18 -8.78 8.92
N ASP A 54 14.49 -8.21 10.08
N ASP A 54 14.53 -8.23 10.07
CA ASP A 54 15.19 -6.93 10.15
CA ASP A 54 15.16 -6.92 10.10
C ASP A 54 16.50 -6.96 9.37
C ASP A 54 16.54 -6.92 9.44
N LYS A 55 17.26 -8.03 9.55
CA LYS A 55 18.55 -8.18 8.92
C LYS A 55 18.40 -8.19 7.40
N TYR A 56 17.35 -8.82 6.89
CA TYR A 56 17.21 -8.91 5.45
C TYR A 56 16.77 -7.57 4.86
N ILE A 57 15.89 -6.83 5.55
CA ILE A 57 15.55 -5.48 5.10
C ILE A 57 16.82 -4.63 5.01
N ALA A 58 17.65 -4.69 6.05
CA ALA A 58 18.90 -3.93 6.04
C ALA A 58 19.80 -4.39 4.88
N TYR A 59 19.85 -5.70 4.62
CA TYR A 59 20.63 -6.19 3.49
C TYR A 59 20.12 -5.61 2.15
N MET A 60 18.81 -5.63 1.95
N MET A 60 18.80 -5.64 1.94
CA MET A 60 18.24 -5.11 0.72
CA MET A 60 18.24 -5.11 0.71
C MET A 60 18.63 -3.64 0.53
C MET A 60 18.66 -3.64 0.53
N GLU A 61 18.60 -2.87 1.61
CA GLU A 61 18.99 -1.47 1.55
C GLU A 61 20.48 -1.29 1.28
N SER A 62 21.32 -2.20 1.78
CA SER A 62 22.76 -2.15 1.49
C SER A 62 23.01 -2.31 -0.02
N GLN A 63 22.06 -2.94 -0.71
CA GLN A 63 22.17 -3.12 -2.15
C GLN A 63 21.44 -2.03 -2.94
N GLY A 64 20.90 -1.04 -2.23
CA GLY A 64 20.24 0.09 -2.85
C GLY A 64 18.77 -0.10 -3.16
N ALA A 65 18.15 -1.13 -2.59
CA ALA A 65 16.76 -1.44 -2.95
C ALA A 65 15.82 -0.27 -2.68
N HIS A 66 16.05 0.42 -1.57
CA HIS A 66 15.14 1.48 -1.15
C HIS A 66 15.10 2.64 -2.14
N ARG A 67 16.14 2.80 -2.96
CA ARG A 67 16.15 3.93 -3.89
C ARG A 67 14.98 3.87 -4.87
N ALA A 68 14.48 2.67 -5.16
CA ALA A 68 13.32 2.51 -6.05
C ALA A 68 12.01 2.91 -5.39
N GLY A 69 11.95 2.77 -4.06
CA GLY A 69 10.69 2.95 -3.34
C GLY A 69 9.92 1.65 -3.12
N LEU A 70 10.31 0.60 -3.84
CA LEU A 70 9.58 -0.67 -3.85
C LEU A 70 10.55 -1.78 -4.17
N ALA A 71 10.43 -2.93 -3.49
CA ALA A 71 11.21 -4.13 -3.83
C ALA A 71 10.30 -5.34 -3.82
N LYS A 72 10.63 -6.35 -4.62
CA LYS A 72 9.96 -7.63 -4.57
C LYS A 72 10.82 -8.65 -3.85
N ILE A 73 10.20 -9.46 -3.00
CA ILE A 73 10.90 -10.56 -2.34
C ILE A 73 10.17 -11.86 -2.61
N ILE A 74 10.87 -12.78 -3.28
CA ILE A 74 10.32 -14.09 -3.57
C ILE A 74 10.79 -15.04 -2.46
N PRO A 75 9.86 -15.60 -1.69
CA PRO A 75 10.26 -16.46 -0.57
C PRO A 75 10.96 -17.72 -1.04
N PRO A 76 11.81 -18.30 -0.18
CA PRO A 76 12.44 -19.58 -0.54
C PRO A 76 11.38 -20.66 -0.79
N LYS A 77 11.74 -21.63 -1.63
CA LYS A 77 10.79 -22.64 -2.06
C LYS A 77 10.27 -23.49 -0.91
N GLU A 78 11.02 -23.53 0.19
CA GLU A 78 10.63 -24.33 1.35
C GLU A 78 9.57 -23.65 2.23
N TRP A 79 9.28 -22.39 1.94
CA TRP A 79 8.41 -21.59 2.79
C TRP A 79 6.97 -21.60 2.33
N LYS A 80 6.05 -21.51 3.28
CA LYS A 80 4.65 -21.26 2.95
C LYS A 80 3.98 -20.41 4.02
N ALA A 81 2.98 -19.64 3.61
CA ALA A 81 2.27 -18.76 4.54
C ALA A 81 1.31 -19.57 5.42
N ARG A 82 0.67 -20.56 4.81
CA ARG A 82 -0.28 -21.43 5.49
C ARG A 82 -0.46 -22.66 4.60
N GLU A 83 -1.16 -23.66 5.12
CA GLU A 83 -1.30 -24.92 4.39
C GLU A 83 -2.18 -24.80 3.14
N THR A 84 -3.40 -24.28 3.30
CA THR A 84 -4.30 -24.11 2.15
C THR A 84 -5.15 -22.87 2.35
N TYR A 85 -5.78 -22.42 1.27
CA TYR A 85 -6.73 -21.32 1.34
C TYR A 85 -8.16 -21.82 1.13
N ASP A 86 -8.40 -23.09 1.45
CA ASP A 86 -9.68 -23.74 1.18
CA ASP A 86 -9.69 -23.67 1.11
C ASP A 86 -10.78 -23.33 2.13
N ASN A 87 -10.43 -22.67 3.24
CA ASN A 87 -11.42 -22.40 4.29
CA ASN A 87 -11.40 -22.41 4.30
C ASN A 87 -11.57 -20.93 4.64
N ILE A 88 -11.46 -20.06 3.65
CA ILE A 88 -11.50 -18.62 3.90
C ILE A 88 -12.82 -17.95 3.47
N SER A 89 -13.79 -18.72 2.99
CA SER A 89 -14.97 -18.12 2.37
CA SER A 89 -14.95 -18.09 2.36
C SER A 89 -15.92 -17.47 3.36
N GLU A 90 -15.78 -17.79 4.65
CA GLU A 90 -16.67 -17.26 5.68
C GLU A 90 -16.17 -15.97 6.31
N ILE A 91 -14.97 -15.53 5.95
CA ILE A 91 -14.49 -14.22 6.36
C ILE A 91 -15.50 -13.18 5.89
N LEU A 92 -15.82 -12.20 6.75
CA LEU A 92 -16.77 -11.16 6.39
C LEU A 92 -16.06 -9.90 5.93
N ILE A 93 -16.53 -9.37 4.79
CA ILE A 93 -16.17 -8.03 4.34
C ILE A 93 -17.31 -7.14 4.79
N ALA A 94 -17.17 -6.51 5.97
CA ALA A 94 -18.26 -5.76 6.57
C ALA A 94 -18.67 -4.56 5.73
N THR A 95 -17.71 -3.92 5.08
CA THR A 95 -17.99 -2.73 4.30
C THR A 95 -17.25 -2.75 2.97
N PRO A 96 -17.76 -3.53 2.00
CA PRO A 96 -17.16 -3.49 0.67
C PRO A 96 -17.26 -2.07 0.11
N LEU A 97 -16.26 -1.66 -0.67
CA LEU A 97 -16.19 -0.29 -1.18
C LEU A 97 -16.28 -0.27 -2.71
N GLN A 98 -17.29 0.41 -3.24
CA GLN A 98 -17.40 0.57 -4.68
C GLN A 98 -16.60 1.80 -5.09
N GLN A 99 -15.64 1.60 -5.99
CA GLN A 99 -14.68 2.65 -6.32
C GLN A 99 -15.11 3.40 -7.57
N VAL A 100 -15.75 4.55 -7.36
CA VAL A 100 -16.36 5.32 -8.43
C VAL A 100 -15.41 6.41 -8.90
N ALA A 101 -15.09 6.41 -10.19
CA ALA A 101 -14.11 7.36 -10.74
C ALA A 101 -14.74 8.62 -11.32
N SER A 102 -13.95 9.69 -11.29
CA SER A 102 -14.31 10.97 -11.91
CA SER A 102 -14.32 10.96 -11.87
C SER A 102 -13.09 11.57 -12.56
N GLY A 103 -13.24 12.08 -13.78
CA GLY A 103 -12.12 12.70 -14.47
C GLY A 103 -11.90 12.12 -15.86
N ARG A 104 -10.64 12.01 -16.24
N ARG A 104 -10.64 12.04 -16.28
CA ARG A 104 -10.26 11.48 -17.54
CA ARG A 104 -10.33 11.46 -17.58
C ARG A 104 -9.62 10.10 -17.34
C ARG A 104 -9.50 10.18 -17.38
N ALA A 105 -9.38 9.40 -18.43
CA ALA A 105 -8.86 8.04 -18.34
C ALA A 105 -7.51 7.97 -17.63
N GLY A 106 -6.64 8.95 -17.88
CA GLY A 106 -5.33 8.95 -17.28
C GLY A 106 -5.13 9.87 -16.09
N VAL A 107 -6.15 10.65 -15.74
CA VAL A 107 -6.09 11.59 -14.61
C VAL A 107 -7.45 11.63 -13.95
N PHE A 108 -7.61 10.90 -12.85
CA PHE A 108 -8.93 10.79 -12.26
C PHE A 108 -8.83 10.64 -10.75
N THR A 109 -9.93 10.93 -10.06
CA THR A 109 -10.04 10.59 -8.66
C THR A 109 -11.06 9.49 -8.50
N GLN A 110 -11.04 8.83 -7.35
CA GLN A 110 -12.07 7.85 -7.05
C GLN A 110 -12.60 8.09 -5.65
N TYR A 111 -13.90 7.88 -5.48
CA TYR A 111 -14.44 7.91 -4.13
C TYR A 111 -15.01 6.54 -3.83
N HIS A 112 -15.12 6.26 -2.53
CA HIS A 112 -15.54 4.96 -2.08
C HIS A 112 -16.98 5.00 -1.58
N LYS A 113 -17.84 4.31 -2.30
CA LYS A 113 -19.24 4.17 -1.92
CA LYS A 113 -19.24 4.17 -1.91
C LYS A 113 -19.42 2.89 -1.12
N LYS A 114 -19.92 3.02 0.11
CA LYS A 114 -20.09 1.84 0.97
C LYS A 114 -21.22 0.95 0.46
N LYS A 115 -20.97 -0.36 0.47
CA LYS A 115 -21.97 -1.34 0.06
C LYS A 115 -22.32 -2.25 1.23
N LYS A 116 -23.38 -3.04 1.08
CA LYS A 116 -23.77 -4.00 2.11
C LYS A 116 -22.72 -5.10 2.31
N ALA A 117 -22.63 -5.59 3.54
CA ALA A 117 -21.67 -6.63 3.90
C ALA A 117 -21.82 -7.88 3.04
N MET A 118 -20.71 -8.55 2.79
N MET A 118 -20.68 -8.49 2.72
CA MET A 118 -20.75 -9.84 2.13
CA MET A 118 -20.61 -9.77 2.00
C MET A 118 -19.56 -10.68 2.56
C MET A 118 -19.58 -10.68 2.67
N THR A 119 -19.71 -11.99 2.49
CA THR A 119 -18.63 -12.90 2.83
C THR A 119 -17.61 -12.92 1.69
N VAL A 120 -16.42 -13.44 1.97
CA VAL A 120 -15.41 -13.60 0.94
C VAL A 120 -15.92 -14.55 -0.16
N GLY A 121 -16.67 -15.58 0.20
CA GLY A 121 -17.26 -16.46 -0.80
C GLY A 121 -18.20 -15.71 -1.75
N GLU A 122 -19.03 -14.85 -1.18
CA GLU A 122 -19.94 -14.05 -1.99
C GLU A 122 -19.17 -13.05 -2.86
N TYR A 123 -18.12 -12.46 -2.29
CA TYR A 123 -17.30 -11.50 -2.99
C TYR A 123 -16.58 -12.15 -4.17
N ARG A 124 -16.03 -13.34 -3.95
CA ARG A 124 -15.35 -14.09 -5.01
C ARG A 124 -16.31 -14.37 -6.17
N HIS A 125 -17.52 -14.78 -5.84
CA HIS A 125 -18.53 -15.03 -6.86
C HIS A 125 -18.84 -13.75 -7.66
N LEU A 126 -18.94 -12.63 -6.96
CA LEU A 126 -19.19 -11.35 -7.60
C LEU A 126 -18.02 -10.95 -8.51
N ALA A 127 -16.80 -11.11 -8.02
CA ALA A 127 -15.61 -10.81 -8.81
C ALA A 127 -15.59 -11.60 -10.12
N ASN A 128 -16.08 -12.82 -10.09
CA ASN A 128 -16.02 -13.71 -11.24
C ASN A 128 -17.24 -13.60 -12.15
N SER A 129 -18.19 -12.76 -11.79
CA SER A 129 -19.40 -12.58 -12.58
C SER A 129 -19.07 -11.87 -13.89
N LYS A 130 -19.97 -11.95 -14.87
CA LYS A 130 -19.71 -11.30 -16.16
C LYS A 130 -19.47 -9.78 -15.99
N LYS A 131 -20.18 -9.14 -15.07
CA LYS A 131 -20.06 -7.70 -14.88
C LYS A 131 -18.66 -7.28 -14.43
N TYR A 132 -18.02 -8.10 -13.60
CA TYR A 132 -16.79 -7.70 -12.92
C TYR A 132 -15.54 -8.49 -13.30
N GLN A 133 -15.69 -9.60 -14.03
N GLN A 133 -15.70 -9.59 -14.05
CA GLN A 133 -14.55 -10.48 -14.29
CA GLN A 133 -14.57 -10.49 -14.30
C GLN A 133 -13.52 -9.83 -15.21
C GLN A 133 -13.53 -9.89 -15.26
N THR A 134 -12.28 -10.27 -15.05
CA THR A 134 -11.18 -9.89 -15.94
C THR A 134 -11.51 -10.22 -17.39
N PRO A 135 -11.31 -9.26 -18.30
CA PRO A 135 -11.57 -9.53 -19.71
C PRO A 135 -10.51 -10.44 -20.33
N PRO A 136 -10.83 -11.06 -21.47
CA PRO A 136 -9.80 -11.78 -22.22
C PRO A 136 -8.63 -10.85 -22.52
N HIS A 137 -7.40 -11.37 -22.42
CA HIS A 137 -6.22 -10.53 -22.64
C HIS A 137 -5.04 -11.42 -23.01
N GLN A 138 -4.05 -10.83 -23.66
CA GLN A 138 -2.92 -11.58 -24.19
C GLN A 138 -1.83 -11.83 -23.15
N ASN A 139 -1.60 -10.84 -22.29
CA ASN A 139 -0.51 -10.86 -21.32
C ASN A 139 -0.70 -9.71 -20.32
N PHE A 140 0.24 -9.53 -19.40
CA PHE A 140 0.12 -8.47 -18.40
C PHE A 140 0.09 -7.08 -19.06
N GLU A 141 0.89 -6.88 -20.10
CA GLU A 141 0.96 -5.59 -20.78
CA GLU A 141 0.95 -5.57 -20.76
C GLU A 141 -0.36 -5.22 -21.45
N ASP A 142 -1.00 -6.22 -22.07
CA ASP A 142 -2.30 -6.02 -22.69
C ASP A 142 -3.33 -5.65 -21.63
N LEU A 143 -3.29 -6.35 -20.50
CA LEU A 143 -4.23 -6.06 -19.44
C LEU A 143 -4.00 -4.65 -18.86
N GLU A 144 -2.74 -4.26 -18.73
CA GLU A 144 -2.39 -2.92 -18.28
C GLU A 144 -2.96 -1.85 -19.22
N ARG A 145 -2.84 -2.05 -20.53
N ARG A 145 -2.83 -2.07 -20.52
CA ARG A 145 -3.41 -1.12 -21.49
CA ARG A 145 -3.39 -1.17 -21.52
C ARG A 145 -4.92 -1.02 -21.31
C ARG A 145 -4.91 -1.03 -21.34
N LYS A 146 -5.57 -2.15 -21.16
CA LYS A 146 -7.02 -2.17 -20.95
C LYS A 146 -7.42 -1.46 -19.67
N TYR A 147 -6.64 -1.67 -18.60
CA TYR A 147 -6.91 -0.99 -17.34
C TYR A 147 -6.92 0.53 -17.54
N TRP A 148 -5.85 1.09 -18.11
CA TRP A 148 -5.79 2.54 -18.18
C TRP A 148 -6.73 3.13 -19.23
N LYS A 149 -7.09 2.33 -20.23
CA LYS A 149 -8.04 2.79 -21.23
CA LYS A 149 -8.04 2.79 -21.23
C LYS A 149 -9.46 2.85 -20.66
N ASN A 150 -9.81 1.86 -19.84
CA ASN A 150 -11.21 1.62 -19.48
C ASN A 150 -11.58 1.73 -18.01
N ARG A 151 -10.61 1.88 -17.12
CA ARG A 151 -10.90 1.88 -15.67
C ARG A 151 -12.03 2.83 -15.29
N ILE A 152 -12.03 4.05 -15.82
CA ILE A 152 -12.96 5.04 -15.28
C ILE A 152 -14.41 4.70 -15.61
N TYR A 153 -14.65 3.84 -16.60
CA TYR A 153 -16.00 3.53 -17.06
C TYR A 153 -16.65 2.41 -16.27
N ASN A 154 -15.95 1.92 -15.26
CA ASN A 154 -16.47 0.87 -14.39
C ASN A 154 -16.26 1.25 -12.94
N SER A 155 -17.01 0.62 -12.05
CA SER A 155 -16.85 0.88 -10.63
CA SER A 155 -16.84 0.88 -10.62
C SER A 155 -16.71 -0.43 -9.85
N PRO A 156 -15.48 -0.97 -9.81
CA PRO A 156 -15.24 -2.25 -9.13
C PRO A 156 -15.43 -2.12 -7.62
N ILE A 157 -15.62 -3.25 -6.97
CA ILE A 157 -15.86 -3.27 -5.53
C ILE A 157 -14.68 -3.93 -4.86
N TYR A 158 -14.13 -3.25 -3.84
N TYR A 158 -14.11 -3.30 -3.84
CA TYR A 158 -12.90 -3.63 -3.11
CA TYR A 158 -13.01 -3.97 -3.18
C TYR A 158 -13.25 -3.98 -1.65
C TYR A 158 -13.12 -3.96 -1.68
N GLY A 159 -12.71 -5.09 -1.13
CA GLY A 159 -12.79 -5.35 0.28
C GLY A 159 -11.48 -4.99 0.95
N ALA A 160 -11.34 -3.73 1.36
CA ALA A 160 -10.06 -3.22 1.83
C ALA A 160 -10.03 -2.96 3.33
N ASP A 161 -8.82 -2.93 3.89
CA ASP A 161 -8.59 -2.54 5.28
C ASP A 161 -9.39 -3.38 6.26
N ILE A 162 -9.36 -4.69 6.07
CA ILE A 162 -10.03 -5.62 6.98
C ILE A 162 -9.00 -6.12 8.00
N SER A 163 -9.15 -5.75 9.28
N SER A 163 -9.20 -5.78 9.27
CA SER A 163 -8.20 -6.21 10.28
CA SER A 163 -8.28 -6.22 10.31
C SER A 163 -8.22 -7.73 10.36
C SER A 163 -8.23 -7.75 10.41
N GLY A 164 -7.06 -8.35 10.24
CA GLY A 164 -6.96 -9.79 10.32
C GLY A 164 -5.69 -10.30 9.66
N SER A 165 -5.50 -11.62 9.72
CA SER A 165 -4.33 -12.25 9.12
C SER A 165 -4.67 -13.62 8.57
N LEU A 166 -3.99 -14.00 7.50
CA LEU A 166 -4.13 -15.34 6.94
C LEU A 166 -2.85 -16.16 7.10
N PHE A 167 -1.87 -15.62 7.83
CA PHE A 167 -0.68 -16.41 8.14
C PHE A 167 -0.97 -17.42 9.23
N ASP A 168 -0.55 -18.66 9.02
CA ASP A 168 -0.63 -19.69 10.05
C ASP A 168 0.20 -19.24 11.25
N GLU A 169 -0.30 -19.45 12.47
CA GLU A 169 0.44 -19.01 13.65
C GLU A 169 1.78 -19.74 13.76
N ASN A 170 1.90 -20.90 13.12
CA ASN A 170 3.14 -21.67 13.15
C ASN A 170 4.15 -21.26 12.09
N THR A 171 3.77 -20.34 11.20
CA THR A 171 4.70 -19.78 10.24
C THR A 171 5.60 -18.80 10.96
N LYS A 172 6.88 -19.14 11.08
CA LYS A 172 7.80 -18.36 11.89
CA LYS A 172 7.80 -18.35 11.90
C LYS A 172 8.53 -17.28 11.12
N GLN A 173 8.64 -17.45 9.80
CA GLN A 173 9.38 -16.52 8.95
C GLN A 173 8.43 -15.60 8.19
N TRP A 174 8.70 -14.29 8.25
CA TRP A 174 7.97 -13.29 7.47
C TRP A 174 6.45 -13.40 7.65
N ASN A 175 6.07 -13.68 8.89
CA ASN A 175 4.67 -13.70 9.31
C ASN A 175 4.26 -12.28 9.63
N LEU A 176 3.41 -11.68 8.80
CA LEU A 176 3.10 -10.26 8.94
C LEU A 176 2.31 -9.92 10.20
N GLY A 177 1.81 -10.91 10.92
CA GLY A 177 1.18 -10.68 12.20
C GLY A 177 2.13 -10.85 13.38
N HIS A 178 3.40 -11.16 13.11
CA HIS A 178 4.38 -11.37 14.17
C HIS A 178 5.60 -10.46 14.05
N LEU A 179 5.47 -9.35 13.34
CA LEU A 179 6.61 -8.44 13.20
C LEU A 179 6.81 -7.59 14.45
N GLY A 180 8.02 -7.12 14.66
CA GLY A 180 8.28 -6.11 15.67
C GLY A 180 7.41 -4.89 15.41
N THR A 181 6.87 -4.31 16.48
CA THR A 181 5.91 -3.22 16.33
C THR A 181 6.61 -1.90 16.11
N ILE A 182 5.91 -0.96 15.47
CA ILE A 182 6.45 0.37 15.27
CA ILE A 182 6.50 0.35 15.26
C ILE A 182 6.64 1.08 16.60
N GLN A 183 5.74 0.81 17.53
CA GLN A 183 5.84 1.42 18.86
C GLN A 183 7.11 0.96 19.58
N ASP A 184 7.45 -0.32 19.45
CA ASP A 184 8.68 -0.81 20.06
C ASP A 184 9.90 -0.26 19.33
N LEU A 185 9.81 -0.10 18.01
CA LEU A 185 10.92 0.49 17.28
C LEU A 185 11.17 1.91 17.77
N LEU A 186 10.12 2.72 17.86
N LEU A 186 10.12 2.71 17.88
CA LEU A 186 10.25 4.08 18.34
CA LEU A 186 10.28 4.10 18.32
C LEU A 186 10.86 4.13 19.72
C LEU A 186 10.87 4.12 19.73
N GLU A 187 10.41 3.22 20.58
CA GLU A 187 10.93 3.14 21.93
C GLU A 187 12.41 2.77 21.94
N LYS A 188 12.78 1.77 21.13
CA LYS A 188 14.17 1.33 21.04
C LYS A 188 15.09 2.45 20.53
N GLU A 189 14.61 3.23 19.57
CA GLU A 189 15.43 4.26 18.94
C GLU A 189 15.50 5.56 19.73
N CYS A 190 14.38 5.93 20.34
N CYS A 190 14.39 5.99 20.33
CA CYS A 190 14.24 7.26 20.91
CA CYS A 190 14.39 7.30 20.96
C CYS A 190 14.04 7.25 22.42
C CYS A 190 14.12 7.26 22.45
N GLY A 191 13.83 6.07 22.99
CA GLY A 191 13.78 5.90 24.43
C GLY A 191 12.46 6.17 25.12
N VAL A 192 11.42 6.48 24.35
N VAL A 192 11.43 6.55 24.37
CA VAL A 192 10.12 6.84 24.90
CA VAL A 192 10.13 6.81 24.99
C VAL A 192 9.07 5.76 24.64
C VAL A 192 9.16 5.68 24.68
N VAL A 193 8.42 5.28 25.70
CA VAL A 193 7.35 4.31 25.54
C VAL A 193 6.10 5.03 25.09
N ILE A 194 5.41 4.48 24.11
CA ILE A 194 4.15 5.08 23.65
C ILE A 194 3.04 4.05 23.56
N GLU A 195 1.80 4.52 23.68
CA GLU A 195 0.63 3.70 23.45
C GLU A 195 0.51 3.36 21.97
N GLY A 196 -0.33 2.39 21.65
CA GLY A 196 -0.63 2.07 20.27
C GLY A 196 -0.28 0.64 19.93
N VAL A 197 -0.96 0.13 18.92
CA VAL A 197 -0.72 -1.20 18.40
C VAL A 197 -0.68 -1.12 16.89
N ASN A 198 -0.31 -2.24 16.28
N ASN A 198 -0.06 -2.08 16.25
CA ASN A 198 0.18 -2.33 14.92
CA ASN A 198 -0.24 -2.17 14.82
C ASN A 198 -0.18 -3.71 14.33
C ASN A 198 -0.33 -3.62 14.45
N THR A 199 -1.36 -3.87 13.68
CA THR A 199 -1.77 -5.21 13.24
C THR A 199 -2.04 -5.23 11.73
N PRO A 200 -2.04 -6.43 11.12
CA PRO A 200 -2.18 -6.46 9.65
C PRO A 200 -3.59 -6.22 9.15
N TYR A 201 -3.69 -5.92 7.86
N TYR A 201 -3.67 -5.86 7.87
CA TYR A 201 -4.97 -5.77 7.19
CA TYR A 201 -4.90 -5.70 7.11
C TYR A 201 -5.04 -6.65 5.96
C TYR A 201 -5.01 -6.76 6.02
N LEU A 202 -6.23 -7.18 5.72
CA LEU A 202 -6.52 -7.98 4.54
C LEU A 202 -7.21 -7.14 3.48
N TYR A 203 -6.93 -7.47 2.22
CA TYR A 203 -7.49 -6.79 1.05
C TYR A 203 -8.00 -7.82 0.07
N PHE A 204 -9.29 -7.83 -0.20
CA PHE A 204 -9.86 -8.71 -1.21
C PHE A 204 -10.17 -7.86 -2.43
N GLY A 205 -9.56 -8.20 -3.56
CA GLY A 205 -9.65 -7.38 -4.75
C GLY A 205 -10.32 -8.09 -5.90
N MET A 206 -10.66 -7.32 -6.93
CA MET A 206 -11.17 -7.86 -8.18
C MET A 206 -10.58 -7.03 -9.31
N TRP A 207 -10.85 -7.42 -10.55
CA TRP A 207 -10.39 -6.68 -11.70
C TRP A 207 -10.71 -5.18 -11.57
N LYS A 208 -9.70 -4.36 -11.83
CA LYS A 208 -9.77 -2.88 -11.84
C LYS A 208 -9.81 -2.25 -10.46
N THR A 209 -9.88 -3.02 -9.39
CA THR A 209 -9.77 -2.48 -8.06
CA THR A 209 -9.80 -2.39 -8.08
C THR A 209 -8.43 -1.72 -7.98
N THR A 210 -8.45 -0.53 -7.39
CA THR A 210 -7.38 0.44 -7.54
C THR A 210 -6.86 0.97 -6.23
N PHE A 211 -5.55 1.08 -6.07
CA PHE A 211 -5.02 1.87 -4.96
C PHE A 211 -4.36 3.13 -5.51
N ALA A 212 -4.84 4.25 -4.99
CA ALA A 212 -4.43 5.60 -5.42
C ALA A 212 -3.00 5.92 -5.01
N TRP A 213 -2.41 6.92 -5.67
CA TRP A 213 -1.06 7.37 -5.33
C TRP A 213 -0.94 7.79 -3.87
N HIS A 214 -0.01 7.19 -3.15
CA HIS A 214 0.17 7.54 -1.74
C HIS A 214 1.53 7.09 -1.24
N THR A 215 1.99 7.72 -0.16
CA THR A 215 2.98 7.11 0.71
C THR A 215 2.28 6.60 1.96
N GLU A 216 2.98 5.86 2.79
CA GLU A 216 2.35 5.33 4.01
C GLU A 216 2.17 6.44 5.05
N ASP A 217 1.27 6.21 6.01
CA ASP A 217 1.14 7.09 7.16
C ASP A 217 2.51 7.34 7.74
N MET A 218 2.82 8.61 8.00
N MET A 218 2.84 8.58 8.09
CA MET A 218 4.09 9.00 8.62
CA MET A 218 4.14 8.92 8.68
C MET A 218 5.29 8.50 7.81
C MET A 218 5.33 8.53 7.80
N ASP A 219 5.06 8.26 6.51
CA ASP A 219 6.07 7.76 5.57
C ASP A 219 6.78 6.51 6.09
N LEU A 220 5.99 5.64 6.72
CA LEU A 220 6.44 4.33 7.16
C LEU A 220 6.76 3.40 5.99
N TYR A 221 7.42 2.28 6.29
CA TYR A 221 7.48 1.19 5.32
C TYR A 221 6.13 0.48 5.27
N SER A 222 5.89 -0.25 4.19
CA SER A 222 4.83 -1.27 4.23
CA SER A 222 4.82 -1.24 4.19
C SER A 222 5.37 -2.55 3.63
N ILE A 223 4.74 -3.65 4.03
CA ILE A 223 5.03 -4.93 3.41
C ILE A 223 3.68 -5.58 3.07
N ASN A 224 3.63 -6.16 1.88
CA ASN A 224 2.41 -6.67 1.29
C ASN A 224 2.66 -8.06 0.75
N TYR A 225 1.88 -9.04 1.23
CA TYR A 225 1.96 -10.41 0.74
C TYR A 225 0.72 -10.75 -0.06
N LEU A 226 0.90 -11.21 -1.30
CA LEU A 226 -0.24 -11.61 -2.11
C LEU A 226 -0.51 -13.09 -1.84
N HIS A 227 -1.53 -13.36 -1.01
CA HIS A 227 -1.83 -14.71 -0.55
C HIS A 227 -2.32 -15.63 -1.66
N LEU A 228 -3.18 -15.10 -2.52
N LEU A 228 -3.19 -15.10 -2.51
CA LEU A 228 -4.02 -15.95 -3.37
CA LEU A 228 -3.86 -15.95 -3.48
C LEU A 228 -4.61 -15.17 -4.53
C LEU A 228 -4.43 -15.12 -4.60
N GLY A 229 -4.69 -15.80 -5.71
CA GLY A 229 -5.44 -15.23 -6.81
C GLY A 229 -4.61 -14.52 -7.85
N GLU A 230 -5.25 -13.56 -8.51
CA GLU A 230 -4.68 -12.90 -9.66
C GLU A 230 -3.70 -11.80 -9.24
N PRO A 231 -2.84 -11.36 -10.19
CA PRO A 231 -1.78 -10.43 -9.80
C PRO A 231 -2.22 -9.03 -9.41
N LYS A 232 -1.24 -8.29 -8.91
CA LYS A 232 -1.38 -6.88 -8.56
CA LYS A 232 -1.40 -6.87 -8.62
C LYS A 232 -0.25 -6.11 -9.26
N THR A 233 -0.59 -5.12 -10.09
CA THR A 233 0.45 -4.30 -10.73
C THR A 233 0.68 -3.04 -9.89
N TRP A 234 1.96 -2.73 -9.69
CA TRP A 234 2.40 -1.59 -8.89
C TRP A 234 3.14 -0.57 -9.75
N TYR A 235 2.93 0.71 -9.44
CA TYR A 235 3.73 1.83 -9.94
C TYR A 235 4.38 2.49 -8.74
N VAL A 236 5.62 2.98 -8.89
CA VAL A 236 6.32 3.59 -7.76
C VAL A 236 7.25 4.69 -8.22
N VAL A 237 7.29 5.78 -7.45
CA VAL A 237 8.22 6.88 -7.67
C VAL A 237 9.35 6.79 -6.64
N PRO A 238 10.61 6.88 -7.07
CA PRO A 238 11.72 6.86 -6.11
C PRO A 238 11.53 7.91 -5.01
N PRO A 239 11.80 7.56 -3.75
CA PRO A 239 11.67 8.53 -2.66
C PRO A 239 12.41 9.84 -2.94
N GLU A 240 13.57 9.78 -3.60
CA GLU A 240 14.32 11.02 -3.82
C GLU A 240 13.62 11.94 -4.83
N HIS A 241 12.59 11.44 -5.51
CA HIS A 241 11.84 12.22 -6.49
C HIS A 241 10.37 12.41 -6.14
N GLY A 242 10.00 12.09 -4.90
CA GLY A 242 8.61 12.17 -4.51
C GLY A 242 8.00 13.55 -4.70
N GLN A 243 8.78 14.60 -4.46
CA GLN A 243 8.24 15.95 -4.58
CA GLN A 243 8.30 15.97 -4.59
C GLN A 243 7.91 16.29 -6.03
N ARG A 244 8.54 15.62 -6.99
CA ARG A 244 8.17 15.83 -8.39
C ARG A 244 6.75 15.32 -8.65
N LEU A 245 6.41 14.18 -8.07
CA LEU A 245 5.06 13.67 -8.20
C LEU A 245 4.07 14.61 -7.52
N GLU A 246 4.43 15.11 -6.33
CA GLU A 246 3.56 16.05 -5.62
C GLU A 246 3.28 17.30 -6.45
N ARG A 247 4.33 17.85 -7.06
CA ARG A 247 4.16 19.04 -7.89
C ARG A 247 3.22 18.79 -9.06
N LEU A 248 3.38 17.66 -9.74
CA LEU A 248 2.48 17.32 -10.83
C LEU A 248 1.06 17.14 -10.32
N ALA A 249 0.89 16.45 -9.20
CA ALA A 249 -0.44 16.24 -8.66
C ALA A 249 -1.13 17.58 -8.36
N ARG A 250 -0.38 18.55 -7.84
N ARG A 250 -0.39 18.55 -7.85
CA ARG A 250 -0.97 19.86 -7.57
CA ARG A 250 -0.99 19.85 -7.57
C ARG A 250 -1.47 20.53 -8.86
C ARG A 250 -1.47 20.52 -8.87
N GLU A 251 -0.71 20.34 -9.94
CA GLU A 251 -1.10 20.88 -11.24
C GLU A 251 -2.33 20.16 -11.81
N LEU A 252 -2.40 18.84 -11.62
CA LEU A 252 -3.45 18.03 -12.24
C LEU A 252 -4.77 18.02 -11.47
N PHE A 253 -4.69 18.30 -10.16
CA PHE A 253 -5.87 18.32 -9.30
C PHE A 253 -5.91 19.65 -8.55
N PRO A 254 -6.14 20.76 -9.28
CA PRO A 254 -5.92 22.08 -8.68
C PRO A 254 -6.90 22.42 -7.55
N GLY A 255 -8.16 22.03 -7.65
CA GLY A 255 -9.10 22.25 -6.57
C GLY A 255 -8.71 21.48 -5.31
N SER A 256 -8.30 20.23 -5.49
CA SER A 256 -7.86 19.41 -4.36
C SER A 256 -6.66 20.03 -3.67
N SER A 257 -5.75 20.56 -4.48
CA SER A 257 -4.54 21.17 -3.97
C SER A 257 -4.86 22.40 -3.11
N ARG A 258 -5.79 23.24 -3.58
CA ARG A 258 -6.18 24.41 -2.82
C ARG A 258 -6.84 24.02 -1.49
N GLY A 259 -7.53 22.88 -1.47
CA GLY A 259 -8.19 22.41 -0.26
C GLY A 259 -7.27 21.86 0.81
N CYS A 260 -6.13 21.33 0.40
CA CYS A 260 -5.21 20.68 1.32
C CYS A 260 -3.80 20.61 0.77
N GLY A 261 -2.84 21.12 1.54
CA GLY A 261 -1.44 21.12 1.14
C GLY A 261 -0.81 19.75 1.06
N ALA A 262 -1.51 18.74 1.57
CA ALA A 262 -1.03 17.35 1.53
C ALA A 262 -2.13 16.41 1.02
N PHE A 263 -2.83 16.79 -0.04
CA PHE A 263 -4.04 16.06 -0.40
C PHE A 263 -3.79 14.63 -0.91
N LEU A 264 -2.57 14.28 -1.30
CA LEU A 264 -2.34 12.89 -1.68
C LEU A 264 -2.55 11.95 -0.48
N ARG A 265 -2.48 12.51 0.74
CA ARG A 265 -2.81 11.76 1.97
C ARG A 265 -4.26 11.26 1.95
N HIS A 266 -5.10 11.86 1.11
CA HIS A 266 -6.51 11.44 1.02
C HIS A 266 -6.65 10.12 0.27
N LYS A 267 -5.61 9.75 -0.46
CA LYS A 267 -5.56 8.48 -1.19
C LYS A 267 -6.74 8.32 -2.15
N VAL A 268 -6.93 9.31 -3.02
CA VAL A 268 -8.00 9.23 -4.02
C VAL A 268 -7.56 9.59 -5.44
N ALA A 269 -6.29 9.98 -5.65
CA ALA A 269 -5.85 10.49 -6.95
C ALA A 269 -5.08 9.45 -7.77
N LEU A 270 -5.44 9.32 -9.04
CA LEU A 270 -4.74 8.43 -9.96
C LEU A 270 -4.20 9.22 -11.14
N ILE A 271 -2.96 8.87 -11.52
CA ILE A 271 -2.28 9.43 -12.68
C ILE A 271 -1.66 8.25 -13.41
N SER A 272 -1.91 8.13 -14.71
CA SER A 272 -1.45 6.98 -15.49
C SER A 272 0.05 7.03 -15.81
N PRO A 273 0.65 5.88 -16.14
CA PRO A 273 2.07 5.90 -16.54
C PRO A 273 2.30 6.78 -17.78
N THR A 274 1.33 6.83 -18.68
CA THR A 274 1.48 7.69 -19.87
C THR A 274 1.58 9.16 -19.46
N VAL A 275 0.71 9.59 -18.54
CA VAL A 275 0.76 10.97 -18.10
C VAL A 275 2.04 11.26 -17.29
N LEU A 276 2.48 10.31 -16.47
CA LEU A 276 3.76 10.49 -15.77
C LEU A 276 4.91 10.66 -16.76
N LYS A 277 4.95 9.81 -17.78
CA LYS A 277 6.00 9.92 -18.79
CA LYS A 277 6.01 9.92 -18.80
C LYS A 277 5.96 11.26 -19.51
N GLU A 278 4.75 11.69 -19.87
CA GLU A 278 4.57 12.97 -20.58
C GLU A 278 5.12 14.13 -19.78
N ASN A 279 5.07 13.99 -18.45
CA ASN A 279 5.51 15.05 -17.56
C ASN A 279 6.89 14.79 -16.95
N GLY A 280 7.60 13.80 -17.47
CA GLY A 280 8.96 13.53 -17.04
C GLY A 280 9.12 13.09 -15.59
N ILE A 281 8.07 12.50 -15.01
CA ILE A 281 8.16 12.00 -13.64
C ILE A 281 8.86 10.65 -13.62
N PRO A 282 9.96 10.52 -12.85
CA PRO A 282 10.61 9.21 -12.78
C PRO A 282 9.75 8.21 -12.03
N PHE A 283 9.56 7.03 -12.60
CA PHE A 283 8.78 5.98 -11.94
C PHE A 283 9.17 4.62 -12.52
N ASN A 284 8.75 3.57 -11.83
CA ASN A 284 8.90 2.21 -12.32
C ASN A 284 7.63 1.44 -12.09
N ARG A 285 7.54 0.27 -12.71
CA ARG A 285 6.38 -0.58 -12.54
C ARG A 285 6.80 -2.02 -12.43
N ILE A 286 5.97 -2.82 -11.75
CA ILE A 286 6.23 -4.24 -11.62
C ILE A 286 4.93 -4.94 -11.27
N THR A 287 4.79 -6.21 -11.65
CA THR A 287 3.61 -6.96 -11.30
C THR A 287 3.96 -8.03 -10.27
N GLN A 288 3.21 -8.01 -9.18
CA GLN A 288 3.31 -8.95 -8.07
C GLN A 288 2.36 -10.13 -8.30
N GLU A 289 2.85 -11.36 -8.13
CA GLU A 289 2.03 -12.54 -8.29
C GLU A 289 1.84 -13.25 -6.95
N ALA A 290 0.86 -14.15 -6.89
CA ALA A 290 0.56 -14.86 -5.65
C ALA A 290 1.81 -15.54 -5.13
N GLY A 291 2.02 -15.44 -3.83
CA GLY A 291 3.19 -16.04 -3.19
C GLY A 291 4.38 -15.11 -3.07
N GLU A 292 4.22 -13.85 -3.48
CA GLU A 292 5.31 -12.90 -3.46
C GLU A 292 5.04 -11.74 -2.50
N PHE A 293 6.11 -11.27 -1.85
CA PHE A 293 6.09 -10.08 -1.02
C PHE A 293 6.53 -8.86 -1.79
N MET A 294 5.92 -7.72 -1.50
CA MET A 294 6.44 -6.42 -1.90
C MET A 294 6.71 -5.60 -0.65
N VAL A 295 7.81 -4.86 -0.64
CA VAL A 295 8.06 -3.90 0.44
C VAL A 295 8.08 -2.50 -0.17
N THR A 296 7.32 -1.57 0.40
CA THR A 296 7.50 -0.17 0.04
C THR A 296 8.34 0.51 1.11
N PHE A 297 9.18 1.44 0.65
CA PHE A 297 10.15 2.09 1.51
C PHE A 297 9.68 3.49 1.86
N PRO A 298 10.19 4.06 2.95
CA PRO A 298 9.74 5.39 3.39
C PRO A 298 9.71 6.42 2.26
N TYR A 299 8.56 7.06 2.12
CA TYR A 299 8.33 8.15 1.17
C TYR A 299 8.41 7.66 -0.28
N GLY A 300 8.18 6.36 -0.48
CA GLY A 300 8.04 5.82 -1.84
C GLY A 300 6.58 5.86 -2.28
N TYR A 301 6.22 6.83 -3.10
CA TYR A 301 4.84 6.92 -3.61
C TYR A 301 4.53 5.70 -4.45
N HIS A 302 3.35 5.12 -4.25
CA HIS A 302 2.94 3.98 -5.05
C HIS A 302 1.45 4.00 -5.33
N ALA A 303 1.07 3.31 -6.40
CA ALA A 303 -0.31 3.17 -6.85
C ALA A 303 -0.39 1.86 -7.61
N GLY A 304 -1.59 1.37 -7.88
CA GLY A 304 -1.69 0.19 -8.69
C GLY A 304 -3.08 -0.37 -8.81
N PHE A 305 -3.16 -1.58 -9.34
CA PHE A 305 -4.47 -2.19 -9.57
C PHE A 305 -4.39 -3.70 -9.53
N ASN A 306 -5.52 -4.33 -9.25
CA ASN A 306 -5.62 -5.78 -9.24
C ASN A 306 -6.12 -6.34 -10.58
N HIS A 307 -5.59 -7.50 -10.94
CA HIS A 307 -5.91 -8.12 -12.23
C HIS A 307 -7.22 -8.91 -12.23
N GLY A 308 -7.70 -9.29 -11.04
CA GLY A 308 -8.82 -10.20 -10.91
C GLY A 308 -8.95 -10.52 -9.43
N PHE A 309 -9.81 -11.49 -9.08
CA PHE A 309 -10.00 -11.83 -7.69
C PHE A 309 -8.69 -12.18 -7.02
N ASN A 310 -8.41 -11.55 -5.89
CA ASN A 310 -7.23 -11.89 -5.12
C ASN A 310 -7.38 -11.49 -3.66
N CYS A 311 -6.40 -11.89 -2.87
CA CYS A 311 -6.34 -11.54 -1.46
C CYS A 311 -4.92 -11.24 -1.09
N ALA A 312 -4.71 -10.06 -0.53
CA ALA A 312 -3.41 -9.61 -0.04
C ALA A 312 -3.51 -9.27 1.44
N GLU A 313 -2.36 -9.33 2.11
CA GLU A 313 -2.25 -8.92 3.50
C GLU A 313 -1.12 -7.93 3.59
N ALA A 314 -1.31 -6.85 4.33
CA ALA A 314 -0.28 -5.83 4.42
C ALA A 314 -0.24 -5.20 5.81
N ILE A 315 0.92 -4.67 6.16
CA ILE A 315 1.09 -3.99 7.44
C ILE A 315 2.20 -2.96 7.27
N ASN A 316 2.15 -1.89 8.06
CA ASN A 316 3.26 -0.96 8.15
C ASN A 316 4.31 -1.44 9.14
N PHE A 317 5.55 -1.07 8.89
CA PHE A 317 6.61 -1.35 9.85
C PHE A 317 7.67 -0.25 9.77
N ALA A 318 8.58 -0.26 10.74
CA ALA A 318 9.63 0.74 10.83
C ALA A 318 10.97 0.07 11.04
N THR A 319 12.02 0.82 10.71
CA THR A 319 13.40 0.46 11.00
C THR A 319 14.09 1.70 11.56
N PRO A 320 15.34 1.58 12.04
CA PRO A 320 16.01 2.81 12.48
C PRO A 320 16.09 3.89 11.38
N ARG A 321 16.22 3.49 10.13
CA ARG A 321 16.32 4.47 9.04
C ARG A 321 15.01 5.24 8.82
N TRP A 322 13.89 4.69 9.27
CA TRP A 322 12.61 5.38 9.12
C TRP A 322 12.50 6.66 9.96
N ILE A 323 13.17 6.69 11.10
CA ILE A 323 12.91 7.75 12.08
C ILE A 323 13.01 9.14 11.43
N ASP A 324 14.07 9.37 10.64
CA ASP A 324 14.23 10.68 9.99
C ASP A 324 13.08 10.99 9.02
N TYR A 325 12.56 9.98 8.34
CA TYR A 325 11.41 10.18 7.48
C TYR A 325 10.15 10.52 8.30
N GLY A 326 9.97 9.82 9.42
CA GLY A 326 8.82 10.10 10.27
C GLY A 326 8.84 11.53 10.79
N LYS A 327 10.04 12.03 11.12
CA LYS A 327 10.20 13.39 11.60
C LYS A 327 9.83 14.45 10.56
N MET A 328 9.99 14.12 9.29
CA MET A 328 9.82 15.07 8.20
C MET A 328 8.51 14.89 7.45
N ALA A 329 7.75 13.84 7.75
CA ALA A 329 6.57 13.51 6.97
C ALA A 329 5.55 14.64 6.97
N SER A 330 4.97 14.89 5.80
N SER A 330 5.04 14.99 5.79
CA SER A 330 3.84 15.80 5.68
CA SER A 330 4.03 16.03 5.71
C SER A 330 2.63 15.22 6.40
C SER A 330 2.67 15.44 6.07
N GLN A 331 1.71 16.10 6.81
N GLN A 331 1.81 16.26 6.66
CA GLN A 331 0.45 15.66 7.39
CA GLN A 331 0.54 15.76 7.18
C GLN A 331 -0.73 16.44 6.83
C GLN A 331 -0.66 16.43 6.55
N CYS A 332 -1.78 15.70 6.50
CA CYS A 332 -3.06 16.30 6.17
C CYS A 332 -3.70 16.79 7.47
N SER A 333 -4.10 18.05 7.49
CA SER A 333 -4.79 18.61 8.64
C SER A 333 -6.16 19.16 8.25
N CYS A 334 -6.60 18.89 7.02
CA CYS A 334 -7.87 19.44 6.53
C CYS A 334 -9.06 18.62 6.99
N GLY A 335 -8.79 17.43 7.52
CA GLY A 335 -9.85 16.59 8.05
C GLY A 335 -10.21 15.39 7.19
N GLU A 336 -9.74 15.35 5.94
CA GLU A 336 -10.11 14.27 5.04
C GLU A 336 -9.38 12.96 5.34
N ALA A 337 -8.10 13.05 5.66
CA ALA A 337 -7.26 11.85 5.81
C ALA A 337 -7.82 10.87 6.84
N ARG A 338 -8.00 11.31 8.08
CA ARG A 338 -8.55 10.49 9.16
C ARG A 338 -7.82 9.15 9.32
N VAL A 339 -6.87 9.11 10.24
CA VAL A 339 -6.00 7.94 10.38
C VAL A 339 -6.21 7.17 11.68
N THR A 340 -5.43 6.10 11.83
CA THR A 340 -5.51 5.23 13.00
C THR A 340 -5.08 5.94 14.28
N PHE A 341 -5.56 5.51 15.43
N PHE A 341 -5.63 5.43 15.37
CA PHE A 341 -5.14 6.26 16.62
CA PHE A 341 -5.32 5.80 16.75
C PHE A 341 -3.69 5.98 16.99
C PHE A 341 -3.82 5.88 17.01
N SER A 342 -3.09 4.98 16.34
N SER A 342 -3.07 4.96 16.43
CA SER A 342 -1.68 4.69 16.56
CA SER A 342 -1.65 4.84 16.74
C SER A 342 -0.81 5.85 16.06
C SER A 342 -0.82 5.96 16.14
N MET A 343 -1.34 6.62 15.11
CA MET A 343 -0.55 7.70 14.52
CA MET A 343 -0.59 7.72 14.50
C MET A 343 -0.43 8.89 15.46
N ASP A 344 -1.35 9.02 16.42
CA ASP A 344 -1.28 10.13 17.37
C ASP A 344 0.07 10.24 18.04
N ALA A 345 0.55 9.13 18.59
CA ALA A 345 1.81 9.14 19.30
C ALA A 345 2.97 9.46 18.39
N PHE A 346 2.90 8.99 17.14
N PHE A 346 2.91 9.05 17.13
CA PHE A 346 3.97 9.26 16.18
CA PHE A 346 4.03 9.30 16.23
C PHE A 346 4.11 10.77 15.96
C PHE A 346 4.13 10.78 15.86
N VAL A 347 2.98 11.43 15.68
CA VAL A 347 2.99 12.88 15.46
C VAL A 347 3.38 13.60 16.75
N ARG A 348 2.82 13.15 17.87
CA ARG A 348 3.07 13.78 19.16
C ARG A 348 4.55 13.80 19.52
N ILE A 349 5.23 12.67 19.31
CA ILE A 349 6.64 12.58 19.69
C ILE A 349 7.58 13.09 18.59
N LEU A 350 7.33 12.73 17.34
CA LEU A 350 8.27 13.09 16.28
C LEU A 350 8.03 14.49 15.70
N GLN A 351 6.80 14.99 15.81
N GLN A 351 6.80 14.99 15.78
CA GLN A 351 6.44 16.28 15.21
CA GLN A 351 6.50 16.31 15.23
C GLN A 351 5.65 17.16 16.19
C GLN A 351 5.67 17.15 16.18
N PRO A 352 6.23 17.45 17.37
CA PRO A 352 5.45 18.19 18.37
C PRO A 352 4.95 19.55 17.88
N GLU A 353 5.65 20.25 17.01
CA GLU A 353 5.17 21.54 16.51
CA GLU A 353 5.15 21.54 16.54
C GLU A 353 3.88 21.38 15.71
N ARG A 354 3.76 20.27 14.99
CA ARG A 354 2.61 20.04 14.12
C ARG A 354 1.43 19.41 14.82
N TYR A 355 1.67 18.88 16.02
CA TYR A 355 0.70 18.04 16.71
C TYR A 355 -0.66 18.72 16.93
N ASP A 356 -0.65 19.95 17.45
CA ASP A 356 -1.90 20.66 17.73
C ASP A 356 -2.77 20.81 16.48
N LEU A 357 -2.17 21.30 15.41
CA LEU A 357 -2.89 21.50 14.15
C LEU A 357 -3.40 20.18 13.58
N TRP A 358 -2.56 19.14 13.62
CA TRP A 358 -2.93 17.84 13.10
C TRP A 358 -4.09 17.23 13.89
N LYS A 359 -4.02 17.33 15.21
CA LYS A 359 -5.04 16.75 16.07
C LYS A 359 -6.39 17.45 15.88
N ARG A 360 -6.34 18.74 15.60
CA ARG A 360 -7.55 19.50 15.29
C ARG A 360 -8.21 18.95 14.03
N GLY A 361 -7.38 18.48 13.10
CA GLY A 361 -7.88 17.88 11.87
C GLY A 361 -8.53 16.52 12.11
N GLN A 362 -8.04 15.80 13.11
CA GLN A 362 -8.54 14.47 13.42
C GLN A 362 -9.89 14.54 14.13
N ASP A 363 -10.25 15.72 14.63
CA ASP A 363 -11.51 15.90 15.34
C ASP A 363 -12.40 16.92 14.62
#